data_7HJ0
#
_entry.id   7HJ0
#
_cell.length_a   26.150
_cell.length_b   47.198
_cell.length_c   46.387
_cell.angle_alpha   90.000
_cell.angle_beta   103.240
_cell.angle_gamma   90.000
#
_symmetry.space_group_name_H-M   'P 1 21 1'
#
loop_
_entity.id
_entity.type
_entity.pdbx_description
1 polymer 'De novo designed ABLE protein'
2 non-polymer 7-(trifluoromethyl)-3,4-dihydroquinoxalin-2(1H)-one
3 water water
#
_entity_poly.entity_id   1
_entity_poly.type   'polypeptide(L)'
_entity_poly.pdbx_seq_one_letter_code
;SVKSEYAEAAAVGQEAVAVFNTMKAAFQNGDKEAVAQYLARLASLYTRHEELLNRILEKARREGNKEAVTLMNEFTATFQ
TGKSIFNAMVAAFKNGDDDSFESYLQALEKVTAKGETLADQIAKAL
;
_entity_poly.pdbx_strand_id   A
#
loop_
_chem_comp.id
_chem_comp.type
_chem_comp.name
_chem_comp.formula
5GT non-polymer 7-(trifluoromethyl)-3,4-dihydroquinoxalin-2(1H)-one 'C9 H7 F3 N2 O'
#
# COMPACT_ATOMS: atom_id res chain seq x y z
N SER A 1 -22.29 -4.57 1.13
N SER A 1 -22.46 -4.37 1.06
CA SER A 1 -21.88 -5.58 0.13
CA SER A 1 -22.06 -5.49 0.18
C SER A 1 -20.36 -5.66 0.07
C SER A 1 -20.54 -5.53 0.10
N VAL A 2 -19.86 -6.72 -0.57
N VAL A 2 -20.03 -6.59 -0.54
CA VAL A 2 -18.42 -6.85 -0.77
CA VAL A 2 -18.59 -6.69 -0.75
C VAL A 2 -17.91 -5.77 -1.71
C VAL A 2 -18.13 -5.54 -1.64
N LYS A 3 -18.78 -5.26 -2.59
N LYS A 3 -18.98 -5.07 -2.54
CA LYS A 3 -18.35 -4.21 -3.50
CA LYS A 3 -18.55 -3.98 -3.42
C LYS A 3 -18.21 -2.86 -2.78
C LYS A 3 -18.39 -2.68 -2.64
N SER A 4 -19.13 -2.56 -1.87
N SER A 4 -19.29 -2.41 -1.69
CA SER A 4 -18.99 -1.34 -1.08
CA SER A 4 -19.11 -1.24 -0.82
C SER A 4 -17.81 -1.46 -0.11
C SER A 4 -17.92 -1.41 0.12
N GLU A 5 -17.60 -2.64 0.45
N GLU A 5 -17.67 -2.64 0.56
CA GLU A 5 -16.44 -2.87 1.31
CA GLU A 5 -16.49 -2.90 1.35
C GLU A 5 -15.14 -2.69 0.56
C GLU A 5 -15.22 -2.67 0.54
N TYR A 6 -15.12 -3.02 -0.73
N TYR A 6 -15.27 -2.95 -0.76
CA TYR A 6 -13.90 -2.82 -1.51
CA TYR A 6 -14.09 -2.69 -1.58
C TYR A 6 -13.67 -1.34 -1.77
C TYR A 6 -13.90 -1.18 -1.79
N ALA A 7 -14.74 -0.59 -2.09
N ALA A 7 -14.98 -0.43 -1.88
CA ALA A 7 -14.60 0.85 -2.24
CA ALA A 7 -14.85 1.02 -2.03
C ALA A 7 -14.02 1.47 -0.99
C ALA A 7 -14.27 1.64 -0.76
N GLU A 8 -14.50 1.05 0.19
N GLU A 8 -14.60 1.09 0.40
CA GLU A 8 -13.95 1.55 1.45
CA GLU A 8 -13.94 1.51 1.62
C GLU A 8 -12.48 1.18 1.58
C GLU A 8 -12.45 1.18 1.57
N ALA A 9 -12.12 -0.03 1.15
CA ALA A 9 -10.73 -0.42 1.08
C ALA A 9 -9.95 0.46 0.11
N ALA A 10 -10.57 0.80 -1.03
N ALA A 10 -10.57 0.79 -1.03
CA ALA A 10 -9.89 1.64 -2.00
CA ALA A 10 -9.89 1.65 -1.99
C ALA A 10 -9.67 3.05 -1.47
C ALA A 10 -9.62 3.02 -1.38
N ALA A 11 -10.56 3.54 -0.61
CA ALA A 11 -10.37 4.86 -0.05
C ALA A 11 -9.20 4.84 0.92
N VAL A 12 -9.08 3.80 1.73
CA VAL A 12 -7.94 3.68 2.65
C VAL A 12 -6.65 3.60 1.85
N GLY A 13 -6.64 2.83 0.76
N GLY A 13 -6.64 2.83 0.77
CA GLY A 13 -5.46 2.80 -0.09
CA GLY A 13 -5.47 2.79 -0.09
C GLY A 13 -5.10 4.17 -0.63
C GLY A 13 -5.10 4.17 -0.62
N GLN A 14 -6.10 4.97 -0.99
CA GLN A 14 -5.83 6.30 -1.51
C GLN A 14 -5.33 7.23 -0.42
N GLU A 15 -5.76 7.01 0.82
CA GLU A 15 -5.25 7.80 1.94
C GLU A 15 -3.76 7.53 2.13
N ALA A 16 -3.37 6.26 1.99
N ALA A 16 -3.36 6.27 1.98
CA ALA A 16 -1.96 5.94 2.08
CA ALA A 16 -1.96 5.97 2.10
C ALA A 16 -1.17 6.59 0.95
C ALA A 16 -1.18 6.58 0.96
N VAL A 17 -1.78 6.75 -0.22
N VAL A 17 -1.73 6.58 -0.25
CA VAL A 17 -1.11 7.43 -1.32
CA VAL A 17 -1.04 7.26 -1.35
C VAL A 17 -0.86 8.89 -0.96
C VAL A 17 -0.84 8.73 -1.02
N ALA A 18 -1.86 9.57 -0.41
N ALA A 18 -1.85 9.37 -0.48
CA ALA A 18 -1.71 10.99 -0.10
CA ALA A 18 -1.72 10.78 -0.16
C ALA A 18 -0.67 11.21 1.00
C ALA A 18 -0.65 11.01 0.89
N VAL A 19 -0.68 10.37 2.03
N VAL A 19 -0.71 10.25 1.97
CA VAL A 19 0.27 10.51 3.13
CA VAL A 19 0.28 10.39 3.04
C VAL A 19 1.67 10.13 2.67
C VAL A 19 1.68 10.08 2.52
N PHE A 20 1.78 9.19 1.74
N PHE A 20 1.80 9.03 1.69
CA PHE A 20 3.09 8.84 1.18
CA PHE A 20 3.09 8.71 1.08
C PHE A 20 3.71 10.03 0.46
C PHE A 20 3.65 9.89 0.29
N ASN A 21 2.95 10.68 -0.43
N ASN A 21 2.78 10.58 -0.45
CA ASN A 21 3.49 11.81 -1.16
CA ASN A 21 3.29 11.67 -1.26
C ASN A 21 3.88 12.95 -0.23
C ASN A 21 3.73 12.85 -0.41
N THR A 22 3.08 13.20 0.80
N THR A 22 3.08 13.07 0.73
CA THR A 22 3.45 14.22 1.78
CA THR A 22 3.48 14.10 1.67
C THR A 22 4.69 13.82 2.56
C THR A 22 4.79 13.70 2.35
N MET A 23 4.88 12.51 2.75
N MET A 23 4.91 12.44 2.72
CA MET A 23 6.09 12.01 3.38
CA MET A 23 6.11 11.94 3.37
C MET A 23 7.30 12.15 2.45
C MET A 23 7.33 12.08 2.45
N LYS A 24 7.10 11.86 1.16
N LYS A 24 7.17 11.74 1.17
CA LYS A 24 8.19 11.98 0.20
CA LYS A 24 8.24 11.92 0.20
C LYS A 24 8.68 13.41 0.13
C LYS A 24 8.69 13.36 0.17
N ALA A 25 7.77 14.39 0.15
N ALA A 25 7.73 14.30 0.12
CA ALA A 25 8.19 15.78 0.19
CA ALA A 25 8.09 15.71 0.11
C ALA A 25 8.98 16.07 1.45
C ALA A 25 8.87 16.06 1.36
N ALA A 26 8.50 15.61 2.60
N ALA A 26 8.47 15.54 2.51
CA ALA A 26 9.20 15.86 3.86
CA ALA A 26 9.17 15.87 3.74
C ALA A 26 10.57 15.21 3.87
C ALA A 26 10.54 15.24 3.79
N PHE A 27 10.69 14.02 3.25
CA PHE A 27 12.00 13.40 3.17
C PHE A 27 12.92 14.24 2.31
N GLN A 28 12.44 14.70 1.15
N GLN A 28 12.45 14.63 1.12
CA GLN A 28 13.29 15.53 0.30
CA GLN A 28 13.30 15.45 0.24
C GLN A 28 13.74 16.79 1.02
C GLN A 28 13.72 16.72 0.93
N ASN A 29 12.91 17.33 1.91
N ASN A 29 12.81 17.34 1.68
CA ASN A 29 13.22 18.57 2.60
CA ASN A 29 13.08 18.58 2.40
C ASN A 29 14.03 18.37 3.88
C ASN A 29 13.99 18.39 3.61
N GLY A 30 14.28 17.13 4.29
N GLY A 30 14.22 17.17 4.07
CA GLY A 30 15.05 16.88 5.49
CA GLY A 30 15.07 16.95 5.23
C GLY A 30 14.28 17.06 6.78
C GLY A 30 14.37 16.98 6.58
N ASP A 31 12.94 17.03 6.73
N ASP A 31 13.04 16.95 6.61
CA ASP A 31 12.10 17.19 7.92
CA ASP A 31 12.27 17.09 7.85
C ASP A 31 11.88 15.81 8.53
C ASP A 31 12.05 15.69 8.45
N LYS A 32 12.91 15.33 9.24
N LYS A 32 13.09 15.22 9.14
CA LYS A 32 12.88 13.95 9.73
CA LYS A 32 13.08 13.83 9.61
C LYS A 32 11.81 13.76 10.80
C LYS A 32 12.02 13.60 10.67
N GLU A 33 11.53 14.78 11.61
N GLU A 33 11.70 14.58 11.50
CA GLU A 33 10.45 14.64 12.58
CA GLU A 33 10.66 14.37 12.52
C GLU A 33 9.10 14.45 11.89
C GLU A 33 9.31 14.16 11.87
N ALA A 34 8.94 15.03 10.69
N ALA A 34 9.01 14.95 10.85
CA ALA A 34 7.71 14.80 9.94
CA ALA A 34 7.80 14.75 10.08
C ALA A 34 7.70 13.44 9.25
C ALA A 34 7.79 13.36 9.44
N VAL A 35 8.84 13.01 8.72
CA VAL A 35 8.89 11.69 8.09
C VAL A 35 8.58 10.62 9.11
N ALA A 36 9.12 10.73 10.32
N ALA A 36 9.17 10.69 10.30
CA ALA A 36 8.84 9.73 11.34
CA ALA A 36 8.88 9.64 11.28
C ALA A 36 7.35 9.61 11.63
C ALA A 36 7.39 9.55 11.57
N GLN A 37 6.65 10.74 11.76
N GLN A 37 6.70 10.68 11.73
CA GLN A 37 5.22 10.67 12.04
CA GLN A 37 5.28 10.61 12.03
C GLN A 37 4.46 10.10 10.85
C GLN A 37 4.48 10.08 10.84
N TYR A 38 4.81 10.51 9.64
CA TYR A 38 4.13 9.98 8.45
C TYR A 38 4.37 8.48 8.30
N LEU A 39 5.57 7.98 8.59
CA LEU A 39 5.79 6.54 8.49
C LEU A 39 4.94 5.79 9.49
N ALA A 40 4.71 6.36 10.67
N ALA A 40 4.76 6.33 10.69
CA ALA A 40 3.82 5.72 11.64
CA ALA A 40 3.90 5.65 11.65
C ALA A 40 2.39 5.73 11.11
C ALA A 40 2.45 5.64 11.18
N ARG A 41 1.95 6.85 10.54
N ARG A 41 2.01 6.74 10.59
CA ARG A 41 0.61 6.92 9.96
CA ARG A 41 0.65 6.82 10.04
C ARG A 41 0.45 5.92 8.83
C ARG A 41 0.48 5.85 8.87
N LEU A 42 1.47 5.78 7.98
CA LEU A 42 1.43 4.83 6.88
C LEU A 42 1.37 3.40 7.40
N ALA A 43 2.12 3.07 8.44
CA ALA A 43 2.04 1.69 8.94
C ALA A 43 0.62 1.36 9.38
N SER A 44 -0.06 2.30 10.04
N SER A 44 -0.06 2.29 10.05
CA SER A 44 -1.41 2.07 10.49
CA SER A 44 -1.42 2.05 10.47
C SER A 44 -2.37 1.97 9.32
C SER A 44 -2.34 1.88 9.28
N LEU A 45 -2.12 2.72 8.24
N LEU A 45 -2.23 2.76 8.30
CA LEU A 45 -2.96 2.63 7.05
CA LEU A 45 -3.07 2.70 7.12
C LEU A 45 -2.73 1.32 6.32
C LEU A 45 -2.85 1.41 6.35
N TYR A 46 -1.47 0.89 6.21
N TYR A 46 -1.61 1.00 6.19
CA TYR A 46 -1.20 -0.36 5.51
CA TYR A 46 -1.41 -0.25 5.46
C TYR A 46 -1.71 -1.57 6.28
C TYR A 46 -1.96 -1.43 6.23
N THR A 47 -1.69 -1.50 7.61
N THR A 47 -1.81 -1.43 7.56
CA THR A 47 -2.26 -2.58 8.42
CA THR A 47 -2.41 -2.49 8.37
C THR A 47 -3.77 -2.65 8.24
C THR A 47 -3.91 -2.53 8.15
N ARG A 48 -4.43 -1.49 8.25
N ARG A 48 -4.55 -1.37 8.15
CA ARG A 48 -5.88 -1.46 8.04
CA ARG A 48 -5.99 -1.33 7.97
C ARG A 48 -6.24 -1.96 6.65
C ARG A 48 -6.38 -1.79 6.57
N HIS A 49 -5.49 -1.53 5.63
N HIS A 49 -5.67 -1.32 5.56
CA HIS A 49 -5.81 -1.92 4.27
CA HIS A 49 -5.95 -1.75 4.19
C HIS A 49 -5.61 -3.42 4.08
C HIS A 49 -5.84 -3.26 4.07
N GLU A 50 -4.52 -3.96 4.61
N GLU A 50 -4.81 -3.85 4.67
CA GLU A 50 -4.26 -5.38 4.50
CA GLU A 50 -4.62 -5.29 4.57
C GLU A 50 -5.34 -6.22 5.16
C GLU A 50 -5.76 -6.03 5.26
N GLU A 51 -5.95 -5.70 6.24
N GLU A 51 -6.22 -5.52 6.40
CA GLU A 51 -7.01 -6.45 6.91
CA GLU A 51 -7.31 -6.19 7.10
C GLU A 51 -8.32 -6.39 6.13
C GLU A 51 -8.58 -6.20 6.25
N LEU A 52 -8.68 -5.22 5.61
N LEU A 52 -8.85 -5.09 5.57
CA LEU A 52 -9.90 -5.08 4.80
CA LEU A 52 -10.02 -5.00 4.69
C LEU A 52 -9.81 -5.92 3.53
C LEU A 52 -9.85 -5.86 3.45
N LEU A 53 -8.65 -5.92 2.87
CA LEU A 53 -8.48 -6.76 1.69
C LEU A 53 -8.65 -8.22 2.05
N ASN A 54 -8.13 -8.63 3.21
N ASN A 54 -8.17 -8.62 3.22
CA ASN A 54 -8.24 -10.04 3.59
CA ASN A 54 -8.30 -10.02 3.61
C ASN A 54 -9.69 -10.44 3.82
C ASN A 54 -9.77 -10.37 3.79
N ARG A 55 -10.49 -9.53 4.38
N ARG A 55 -10.54 -9.50 4.42
CA ARG A 55 -11.91 -9.83 4.55
CA ARG A 55 -11.96 -9.77 4.59
C ARG A 55 -12.63 -9.91 3.21
C ARG A 55 -12.65 -9.86 3.23
N ILE A 56 -12.29 -9.03 2.28
CA ILE A 56 -12.90 -9.06 0.95
C ILE A 56 -12.54 -10.35 0.24
N LEU A 57 -11.27 -10.74 0.30
CA LEU A 57 -10.85 -12.00 -0.32
C LEU A 57 -11.61 -13.17 0.27
N GLU A 58 -11.72 -13.20 1.59
CA GLU A 58 -12.41 -14.30 2.24
C GLU A 58 -13.89 -14.35 1.85
N LYS A 59 -14.51 -13.18 1.71
N LYS A 59 -14.53 -13.19 1.72
CA LYS A 59 -15.92 -13.10 1.31
CA LYS A 59 -15.93 -13.12 1.31
C LYS A 59 -16.10 -13.56 -0.12
C LYS A 59 -16.11 -13.58 -0.13
N ALA A 60 -15.22 -13.15 -1.03
CA ALA A 60 -15.30 -13.63 -2.40
C ALA A 60 -15.13 -15.14 -2.48
N ARG A 61 -14.29 -15.72 -1.62
CA ARG A 61 -14.13 -17.16 -1.58
C ARG A 61 -15.41 -17.82 -1.12
N ARG A 62 -16.04 -17.27 -0.07
CA ARG A 62 -17.28 -17.86 0.46
C ARG A 62 -18.41 -17.73 -0.56
N GLU A 63 -18.38 -16.69 -1.39
N GLU A 63 -18.37 -16.70 -1.39
CA GLU A 63 -19.37 -16.46 -2.42
CA GLU A 63 -19.37 -16.44 -2.42
C GLU A 63 -19.13 -17.27 -3.68
C GLU A 63 -19.12 -17.21 -3.69
N GLY A 64 -17.99 -17.96 -3.78
N GLY A 64 -17.94 -17.81 -3.84
CA GLY A 64 -17.69 -18.78 -4.93
CA GLY A 64 -17.61 -18.57 -5.04
C GLY A 64 -17.24 -18.02 -6.16
C GLY A 64 -17.32 -17.69 -6.24
N ASN A 65 -16.86 -16.75 -6.01
N ASN A 65 -16.85 -16.47 -6.01
CA ASN A 65 -16.55 -15.85 -7.11
CA ASN A 65 -16.59 -15.54 -7.11
C ASN A 65 -15.11 -16.14 -7.53
C ASN A 65 -15.16 -15.79 -7.57
N LYS A 66 -14.97 -17.10 -8.44
N LYS A 66 -15.02 -16.83 -8.40
CA LYS A 66 -13.63 -17.56 -8.81
CA LYS A 66 -13.70 -17.34 -8.76
C LYS A 66 -12.79 -16.45 -9.41
C LYS A 66 -12.86 -16.27 -9.42
N GLU A 67 -13.38 -15.62 -10.26
N GLU A 67 -13.44 -15.49 -10.32
CA GLU A 67 -12.60 -14.58 -10.92
CA GLU A 67 -12.64 -14.46 -10.97
C GLU A 67 -12.11 -13.54 -9.92
C GLU A 67 -12.15 -13.42 -9.97
N ALA A 68 -12.99 -13.04 -9.06
N ALA A 68 -13.02 -12.98 -9.06
CA ALA A 68 -12.58 -12.08 -8.06
CA ALA A 68 -12.58 -12.05 -8.02
C ALA A 68 -11.51 -12.67 -7.14
C ALA A 68 -11.51 -12.67 -7.15
N VAL A 69 -11.64 -13.94 -6.81
CA VAL A 69 -10.65 -14.59 -5.95
C VAL A 69 -9.30 -14.63 -6.65
N THR A 70 -9.28 -15.03 -7.93
CA THR A 70 -8.03 -15.02 -8.70
C THR A 70 -7.36 -13.66 -8.63
N LEU A 71 -8.10 -12.60 -8.93
CA LEU A 71 -7.52 -11.28 -8.99
C LEU A 71 -7.08 -10.83 -7.62
N MET A 72 -7.87 -11.14 -6.59
CA MET A 72 -7.50 -10.76 -5.23
C MET A 72 -6.30 -11.53 -4.73
N ASN A 73 -6.16 -12.81 -5.09
CA ASN A 73 -4.93 -13.52 -4.73
C ASN A 73 -3.70 -12.84 -5.35
N GLU A 74 -3.80 -12.41 -6.61
N GLU A 74 -3.79 -12.44 -6.61
CA GLU A 74 -2.70 -11.73 -7.25
CA GLU A 74 -2.68 -11.76 -7.23
C GLU A 74 -2.47 -10.34 -6.64
C GLU A 74 -2.37 -10.45 -6.51
N PHE A 75 -3.55 -9.63 -6.35
N PHE A 75 -3.41 -9.71 -6.16
CA PHE A 75 -3.45 -8.29 -5.79
CA PHE A 75 -3.27 -8.43 -5.49
C PHE A 75 -2.80 -8.32 -4.41
C PHE A 75 -2.66 -8.57 -4.10
N THR A 76 -3.22 -9.26 -3.56
N THR A 76 -3.13 -9.51 -3.27
CA THR A 76 -2.67 -9.32 -2.21
CA THR A 76 -2.53 -9.64 -1.95
C THR A 76 -1.21 -9.78 -2.21
C THR A 76 -1.07 -10.09 -2.05
N ALA A 77 -0.84 -10.66 -3.14
N ALA A 77 -0.71 -10.82 -3.10
CA ALA A 77 0.57 -11.02 -3.27
CA ALA A 77 0.70 -11.11 -3.33
C ALA A 77 1.41 -9.81 -3.59
C ALA A 77 1.48 -9.82 -3.55
N THR A 78 0.90 -8.92 -4.46
N THR A 78 1.00 -8.99 -4.49
CA THR A 78 1.64 -7.71 -4.80
CA THR A 78 1.60 -7.68 -4.72
C THR A 78 1.63 -6.71 -3.65
C THR A 78 1.62 -6.85 -3.43
N PHE A 79 0.49 -6.60 -2.95
N PHE A 79 0.57 -6.94 -2.62
CA PHE A 79 0.44 -5.75 -1.75
CA PHE A 79 0.56 -6.18 -1.37
C PHE A 79 1.54 -6.15 -0.77
C PHE A 79 1.71 -6.61 -0.46
N GLN A 80 1.78 -7.45 -0.60
N GLN A 80 2.01 -7.89 -0.43
CA GLN A 80 2.82 -7.91 0.30
CA GLN A 80 3.09 -8.32 0.46
C GLN A 80 4.21 -7.51 -0.20
C GLN A 80 4.43 -7.80 -0.03
N THR A 81 4.41 -7.46 -1.51
N THR A 81 4.64 -7.68 -1.34
CA THR A 81 5.66 -6.92 -2.06
CA THR A 81 5.87 -7.03 -1.84
C THR A 81 5.83 -5.47 -1.63
C THR A 81 5.97 -5.62 -1.32
N GLY A 82 4.79 -4.67 -1.78
N GLY A 82 4.86 -4.89 -1.39
CA GLY A 82 4.85 -3.28 -1.35
CA GLY A 82 4.83 -3.55 -0.80
C GLY A 82 5.06 -3.15 0.15
C GLY A 82 5.24 -3.57 0.66
N LYS A 83 4.49 -4.06 0.93
N LYS A 83 4.61 -4.41 1.45
CA LYS A 83 4.67 -4.01 2.38
CA LYS A 83 4.91 -4.51 2.88
C LYS A 83 6.11 -4.32 2.77
C LYS A 83 6.40 -4.77 3.11
N SER A 84 6.70 -5.34 2.16
N SER A 84 6.98 -5.70 2.36
CA SER A 84 8.10 -5.66 2.45
CA SER A 84 8.39 -5.98 2.58
C SER A 84 9.01 -4.49 2.08
C SER A 84 9.25 -4.77 2.27
N ILE A 85 8.72 -3.84 0.96
N ILE A 85 8.95 -4.09 1.17
CA ILE A 85 9.50 -2.68 0.55
CA ILE A 85 9.74 -2.91 0.81
C ILE A 85 9.34 -1.54 1.56
C ILE A 85 9.50 -1.78 1.82
N PHE A 86 8.10 -1.34 2.04
N PHE A 86 8.25 -1.59 2.26
CA PHE A 86 7.86 -0.30 3.04
CA PHE A 86 7.97 -0.59 3.27
C PHE A 86 8.62 -0.59 4.32
C PHE A 86 8.77 -0.84 4.54
N ASN A 87 8.53 -1.82 4.84
N ASN A 87 8.79 -2.09 5.01
CA ASN A 87 9.21 -2.14 6.09
CA ASN A 87 9.58 -2.38 6.22
C ASN A 87 10.73 -2.02 5.96
C ASN A 87 11.04 -2.01 6.01
N ALA A 88 11.27 -2.30 4.76
N ALA A 88 11.60 -2.40 4.86
CA ALA A 88 12.68 -2.02 4.50
CA ALA A 88 12.98 -2.06 4.52
C ALA A 88 12.96 -0.53 4.52
C ALA A 88 13.19 -0.54 4.56
N MET A 89 12.02 0.27 3.99
N MET A 89 12.22 0.20 4.04
CA MET A 89 12.16 1.72 4.00
CA MET A 89 12.29 1.66 4.07
C MET A 89 12.21 2.26 5.42
C MET A 89 12.32 2.18 5.50
N VAL A 90 11.38 1.71 6.32
N VAL A 90 11.45 1.65 6.36
CA VAL A 90 11.35 2.17 7.70
CA VAL A 90 11.40 2.06 7.76
C VAL A 90 12.66 1.85 8.40
C VAL A 90 12.72 1.75 8.44
N ALA A 91 13.24 0.68 8.11
N ALA A 91 13.28 0.57 8.16
CA ALA A 91 14.52 0.33 8.72
CA ALA A 91 14.59 0.24 8.69
C ALA A 91 15.64 1.24 8.21
C ALA A 91 15.67 1.20 8.20
N ALA A 92 15.65 1.54 6.91
CA ALA A 92 16.62 2.48 6.38
C ALA A 92 16.50 3.84 7.02
N PHE A 93 15.28 4.29 7.29
CA PHE A 93 15.09 5.54 8.04
C PHE A 93 15.70 5.45 9.43
N LYS A 94 15.43 4.36 10.15
N LYS A 94 15.39 4.38 10.17
CA LYS A 94 15.94 4.20 11.51
CA LYS A 94 15.94 4.20 11.51
C LYS A 94 17.46 4.08 11.53
C LYS A 94 17.44 4.25 11.48
N ASN A 95 18.04 3.53 10.48
N ASN A 95 18.05 3.66 10.46
CA ASN A 95 19.50 3.36 10.38
CA ASN A 95 19.49 3.55 10.32
C ASN A 95 20.21 4.58 9.83
C ASN A 95 20.14 4.83 9.80
N GLY A 96 19.49 5.55 9.27
N GLY A 96 19.36 5.82 9.40
CA GLY A 96 20.14 6.70 8.67
CA GLY A 96 19.95 7.02 8.84
C GLY A 96 20.77 6.41 7.34
C GLY A 96 20.45 6.89 7.42
N ASP A 97 20.15 5.53 6.54
N ASP A 97 20.03 5.88 6.68
CA ASP A 97 20.67 5.16 5.22
CA ASP A 97 20.54 5.56 5.34
C ASP A 97 19.79 5.83 4.16
C ASP A 97 19.61 6.21 4.32
N ASP A 98 20.06 7.11 3.88
N ASP A 98 19.93 7.45 3.93
CA ASP A 98 19.23 7.85 2.95
CA ASP A 98 19.07 8.15 2.97
C ASP A 98 19.30 7.25 1.55
C ASP A 98 19.17 7.55 1.58
N ASP A 99 20.44 6.68 1.17
N ASP A 99 20.32 6.96 1.21
CA ASP A 99 20.54 6.02 -0.13
CA ASP A 99 20.45 6.34 -0.10
C ASP A 99 19.55 4.86 -0.23
C ASP A 99 19.48 5.17 -0.26
N SER A 100 19.43 4.07 0.82
N SER A 100 19.49 4.24 0.68
CA SER A 100 18.47 2.97 0.79
CA SER A 100 18.52 3.15 0.64
C SER A 100 17.04 3.47 0.93
C SER A 100 17.10 3.67 0.69
N PHE A 101 16.83 4.63 1.58
CA PHE A 101 15.47 5.18 1.67
C PHE A 101 14.98 5.65 0.31
N GLU A 102 15.81 6.39 -0.43
N GLU A 102 15.74 6.53 -0.34
CA GLU A 102 15.47 6.75 -1.80
CA GLU A 102 15.33 7.04 -1.65
C GLU A 102 15.22 5.50 -2.64
C GLU A 102 15.04 5.89 -2.60
N SER A 103 16.07 4.48 -2.52
N SER A 103 15.92 4.89 -2.62
CA SER A 103 15.94 3.28 -3.36
CA SER A 103 15.73 3.72 -3.47
C SER A 103 14.63 2.55 -3.05
C SER A 103 14.40 3.05 -3.17
N TYR A 104 14.33 2.36 -1.77
N TYR A 104 14.20 2.68 -1.89
CA TYR A 104 13.10 1.67 -1.40
CA TYR A 104 12.97 2.00 -1.49
C TYR A 104 11.86 2.51 -1.70
C TYR A 104 11.74 2.83 -1.82
N LEU A 105 12.00 3.84 -1.72
N LEU A 105 11.82 4.14 -1.66
CA LEU A 105 10.83 4.70 -1.97
CA LEU A 105 10.70 5.02 -1.97
C LEU A 105 10.40 4.64 -3.43
C LEU A 105 10.31 4.87 -3.44
N GLN A 106 11.36 4.76 -4.35
N GLN A 106 11.31 4.89 -4.33
CA GLN A 106 11.03 4.65 -5.77
CA GLN A 106 11.07 4.64 -5.75
C GLN A 106 10.47 3.28 -6.10
C GLN A 106 10.51 3.25 -5.99
N ALA A 107 11.00 2.23 -5.47
N ALA A 107 11.01 2.25 -5.26
CA ALA A 107 10.49 0.89 -5.72
CA ALA A 107 10.50 0.89 -5.44
C ALA A 107 9.04 0.75 -5.27
C ALA A 107 9.02 0.81 -5.04
N LEU A 108 8.70 1.36 -4.13
N LEU A 108 8.64 1.45 -3.94
CA LEU A 108 7.32 1.28 -3.65
CA LEU A 108 7.25 1.41 -3.52
C LEU A 108 6.36 2.09 -4.53
C LEU A 108 6.33 2.09 -4.53
N GLU A 109 6.85 3.15 -5.17
N GLU A 109 6.79 3.19 -5.13
CA GLU A 109 6.03 3.87 -6.14
CA GLU A 109 5.98 3.82 -6.17
C GLU A 109 5.80 3.04 -7.40
C GLU A 109 5.69 2.87 -7.31
N LYS A 110 6.85 2.40 -7.91
N LYS A 110 6.63 1.98 -7.64
CA LYS A 110 6.71 1.59 -9.11
CA LYS A 110 6.38 1.03 -8.71
C LYS A 110 5.84 0.37 -8.84
C LYS A 110 5.39 -0.04 -8.29
N VAL A 111 5.99 -0.24 -7.66
N VAL A 111 5.51 -0.54 -7.07
CA VAL A 111 5.16 -1.39 -7.31
CA VAL A 111 4.57 -1.54 -6.54
C VAL A 111 3.69 -0.97 -7.17
C VAL A 111 3.16 -0.97 -6.54
N THR A 112 3.44 0.21 -6.58
N THR A 112 3.02 0.25 -6.02
CA THR A 112 2.07 0.69 -6.45
CA THR A 112 1.70 0.87 -5.96
C THR A 112 1.46 1.01 -7.80
C THR A 112 1.11 1.01 -7.35
N ALA A 113 2.22 1.68 -8.67
N ALA A 113 1.92 1.40 -8.34
CA ALA A 113 1.68 2.08 -9.97
CA ALA A 113 1.37 1.60 -9.68
C ALA A 113 1.39 0.88 -10.85
C ALA A 113 0.83 0.29 -10.25
N LYS A 114 2.24 -0.15 -10.80
N LYS A 114 1.62 -0.77 -10.16
CA LYS A 114 2.02 -1.33 -11.62
CA LYS A 114 1.14 -2.07 -10.63
C LYS A 114 0.73 -2.03 -11.22
C LYS A 114 -0.07 -2.53 -9.82
N GLY A 115 0.42 -2.06 -9.92
N GLY A 115 -0.06 -2.29 -8.51
CA GLY A 115 -0.72 -2.81 -9.43
CA GLY A 115 -1.18 -2.71 -7.69
C GLY A 115 -1.99 -2.01 -9.37
C GLY A 115 -2.48 -2.05 -8.11
N GLU A 116 -2.18 -1.06 -10.31
N GLU A 116 -2.43 -0.79 -8.53
CA GLU A 116 -3.41 -0.30 -10.38
CA GLU A 116 -3.65 -0.09 -8.88
C GLU A 116 -4.38 -0.79 -11.43
C GLU A 116 -4.27 -0.63 -10.16
N THR A 117 -3.92 -1.29 -12.56
N THR A 117 -3.47 -1.16 -11.08
CA THR A 117 -4.84 -1.89 -13.52
CA THR A 117 -4.06 -1.79 -12.25
C THR A 117 -5.58 -3.07 -12.89
C THR A 117 -4.92 -2.99 -11.85
N LEU A 118 -4.88 -3.86 -12.07
N LEU A 118 -4.34 -3.89 -11.04
CA LEU A 118 -5.52 -4.96 -11.35
CA LEU A 118 -5.10 -5.01 -10.48
C LEU A 118 -6.52 -4.44 -10.32
C LEU A 118 -6.30 -4.51 -9.67
N ALA A 119 -6.17 -3.34 -9.65
N ALA A 119 -6.08 -3.46 -8.86
CA ALA A 119 -7.06 -2.78 -8.62
CA ALA A 119 -7.15 -2.94 -8.03
C ALA A 119 -8.43 -2.44 -9.22
C ALA A 119 -8.34 -2.53 -8.90
N ASP A 120 -8.43 -1.79 -10.39
N ASP A 120 -8.07 -1.90 -10.04
CA ASP A 120 -9.69 -1.46 -11.03
CA ASP A 120 -9.14 -1.49 -10.94
C ASP A 120 -10.42 -2.71 -11.48
C ASP A 120 -9.89 -2.69 -11.50
N GLN A 121 -9.69 -3.73 -11.95
N GLN A 121 -9.20 -3.81 -11.74
CA GLN A 121 -10.33 -4.97 -12.35
CA GLN A 121 -9.87 -4.98 -12.27
C GLN A 121 -11.11 -5.58 -11.19
C GLN A 121 -10.72 -5.67 -11.21
N ILE A 122 -10.51 -5.60 -10.00
N ILE A 122 -10.26 -5.67 -9.96
CA ILE A 122 -11.19 -6.17 -8.85
CA ILE A 122 -11.04 -6.31 -8.90
C ILE A 122 -12.48 -5.42 -8.56
C ILE A 122 -12.39 -5.64 -8.76
N ALA A 123 -12.46 -4.11 -8.73
N ALA A 123 -12.39 -4.31 -8.80
CA ALA A 123 -13.66 -3.31 -8.46
CA ALA A 123 -13.63 -3.55 -8.70
C ALA A 123 -14.82 -3.77 -9.34
C ALA A 123 -14.65 -4.09 -9.69
N LYS A 124 -14.54 -4.14 -10.58
N LYS A 124 -14.25 -4.22 -10.94
CA LYS A 124 -15.58 -4.58 -11.49
CA LYS A 124 -15.15 -4.67 -11.99
C LYS A 124 -15.97 -6.03 -11.29
C LYS A 124 -15.52 -6.13 -11.86
N ALA A 125 -15.10 -6.84 -10.66
N ALA A 125 -14.79 -6.89 -11.06
CA ALA A 125 -15.32 -8.26 -10.56
CA ALA A 125 -15.03 -8.32 -10.96
C ALA A 125 -16.11 -8.68 -9.32
C ALA A 125 -16.00 -8.69 -9.86
N LEU A 126 -16.14 -7.86 -8.28
N LEU A 126 -16.06 -7.91 -8.80
CA LEU A 126 -16.78 -8.25 -7.03
CA LEU A 126 -16.88 -8.25 -7.64
C LEU A 126 -18.31 -8.18 -7.10
C LEU A 126 -18.38 -8.12 -7.92
FAB 5GT B . -0.24 -3.28 -3.13
CAO 5GT B . 0.24 -2.05 -3.23
FAC 5GT B . -0.78 -1.19 -3.36
FAD 5GT B . 0.95 -1.98 -4.36
CAL 5GT B . 1.04 -1.63 -1.99
CAG 5GT B . 0.89 -2.29 -0.75
CAN 5GT B . 1.63 -1.86 0.38
NAJ 5GT B . 1.51 -2.52 1.62
C 5GT B . 2.24 -2.26 2.71
O 5GT B . 2.14 -2.84 3.80
CA 5GT B . 3.29 -1.15 2.58
N 5GT B . 3.23 -0.38 1.37
CAM 5GT B . 2.52 -0.78 0.26
CAF 5GT B . 2.67 -0.11 -0.97
CAE 5GT B . 1.93 -0.54 -2.09
H1 5GT B . 0.22 -3.12 -0.66
H2 5GT B . 0.82 -3.25 1.69
H3 5GT B . 4.26 -1.65 2.61
H4 5GT B . 3.30 -0.52 3.48
H5 5GT B . 3.85 0.42 1.29
H6 5GT B . 3.35 0.73 -1.06
H7 5GT B . 2.05 -0.03 -3.02
#